data_2DWO
#
_entry.id   2DWO
#
_cell.length_a   102.290
_cell.length_b   102.290
_cell.length_c   258.620
_cell.angle_alpha   90.00
_cell.angle_beta   90.00
_cell.angle_gamma   120.00
#
_symmetry.space_group_name_H-M   'P 65 2 2'
#
loop_
_entity.id
_entity.type
_entity.pdbx_description
1 polymer '6-phosphofructo-2-kinase/fructose-2,6-biphosphatase 3'
2 non-polymer 6-O-phosphono-beta-D-fructofuranose
3 non-polymer "ADENOSINE-5'-DIPHOSPHATE"
4 non-polymer PHOSPHOENOLPYRUVATE
5 water water
#
_entity_poly.entity_id   1
_entity_poly.type   'polypeptide(L)'
_entity_poly.pdbx_seq_one_letter_code
;MPLELTQSRVQKIWVPVDHRPSLPRSCGPKLTNSPTVIVMVGLPARGKTYISKKLTRYLNWIGVPTKVFNVGEYRREAVK
QYSSYNFFRPDNEEAMKVRKQCALAALRDVKSYLAKEGGQIAVFDATNTTRERRHMILHFAKENDFKAFFIESVCDDPTV
VASNIMEVKISSPDYKDCNSAEAMDDFMKRISCYEASYQPLDPDKCDRDLSLIKVIDVGRRFLVNRVQDHIQSRIVYYLM
NIHVQPRTIYLCRHGENEHNLQGRIGGDSGLSSRGKKFASALSKFVEEQNLKDLRVWTSQLKSTIQTAEALRLPYEQWKA
LNEIDAGVCEELTYEEIRDTYPEEYALREQDKYYYRYPTGESYQDLVQRLEPVIMELERQENVLVICHQAVLRCLLAYFL
DKSAEEMPYLKCPLHTVLKLTPVAYGCRVESIYLNVESVCTHRERSEDAKKGPNPLMRRNSVTPLASPEPTKKPRINSFE
EHVASTSAALPSCLPPEVPTQLPGQNMKGSRSSADSSRKH
;
_entity_poly.pdbx_strand_id   A
#
loop_
_chem_comp.id
_chem_comp.type
_chem_comp.name
_chem_comp.formula
ADP non-polymer ADENOSINE-5'-DIPHOSPHATE 'C10 H15 N5 O10 P2'
F6P D-saccharide, beta linking 6-O-phosphono-beta-D-fructofuranose 'C6 H13 O9 P'
PEP non-polymer PHOSPHOENOLPYRUVATE 'C3 H5 O6 P'
#
# COMPACT_ATOMS: atom_id res chain seq x y z
N LEU A 3 -9.14 -33.24 14.74
CA LEU A 3 -9.03 -34.72 14.59
C LEU A 3 -9.41 -35.12 13.16
N GLU A 4 -10.64 -34.88 12.72
CA GLU A 4 -10.94 -35.17 11.32
C GLU A 4 -11.06 -33.83 10.59
N LEU A 5 -10.00 -33.48 9.88
CA LEU A 5 -9.91 -32.24 9.15
C LEU A 5 -9.86 -32.56 7.67
N THR A 6 -10.09 -31.55 6.84
CA THR A 6 -10.02 -31.70 5.39
C THR A 6 -9.19 -30.51 4.88
N GLN A 7 -8.42 -30.71 3.82
CA GLN A 7 -7.59 -29.63 3.30
C GLN A 7 -8.28 -28.81 2.19
N SER A 8 -8.38 -27.49 2.37
CA SER A 8 -9.03 -26.66 1.35
C SER A 8 -8.25 -26.81 0.05
N ARG A 9 -8.97 -26.92 -1.06
CA ARG A 9 -8.31 -27.12 -2.35
C ARG A 9 -7.47 -25.97 -2.86
N VAL A 10 -7.93 -24.75 -2.65
CA VAL A 10 -7.20 -23.59 -3.12
C VAL A 10 -6.06 -23.18 -2.21
N GLN A 11 -6.37 -22.79 -0.97
CA GLN A 11 -5.34 -22.37 -0.01
C GLN A 11 -4.54 -23.50 0.67
N LYS A 12 -5.03 -24.74 0.58
CA LYS A 12 -4.37 -25.91 1.19
C LYS A 12 -4.35 -25.78 2.71
N ILE A 13 -5.41 -25.20 3.25
CA ILE A 13 -5.53 -24.99 4.69
C ILE A 13 -6.37 -26.09 5.33
N TRP A 14 -5.86 -26.73 6.38
CA TRP A 14 -6.61 -27.78 7.07
C TRP A 14 -7.69 -27.19 7.95
N VAL A 15 -8.93 -27.58 7.69
CA VAL A 15 -10.07 -27.09 8.47
C VAL A 15 -10.89 -28.28 8.94
N PRO A 16 -11.59 -28.13 10.06
CA PRO A 16 -12.39 -29.25 10.54
C PRO A 16 -13.55 -29.52 9.56
N VAL A 17 -13.77 -30.78 9.19
CA VAL A 17 -14.86 -31.09 8.29
C VAL A 17 -16.14 -30.81 9.06
N ASP A 18 -17.00 -29.97 8.52
CA ASP A 18 -18.25 -29.70 9.19
C ASP A 18 -19.38 -30.36 8.42
N HIS A 19 -19.63 -31.62 8.77
CA HIS A 19 -20.71 -32.38 8.15
C HIS A 19 -21.94 -31.69 8.70
N ARG A 20 -22.28 -30.56 8.11
CA ARG A 20 -23.43 -29.78 8.54
C ARG A 20 -24.66 -30.67 8.71
N PRO A 21 -25.46 -30.37 9.74
CA PRO A 21 -26.67 -31.15 9.99
C PRO A 21 -27.69 -30.88 8.88
N SER A 22 -28.83 -31.53 8.99
CA SER A 22 -29.91 -31.38 8.02
C SER A 22 -30.09 -29.92 7.63
N LEU A 23 -30.16 -29.07 8.64
CA LEU A 23 -30.35 -27.62 8.47
C LEU A 23 -29.13 -26.87 9.03
N PRO A 24 -28.07 -26.70 8.21
CA PRO A 24 -26.85 -26.00 8.62
C PRO A 24 -27.06 -24.55 9.02
N ARG A 25 -26.37 -24.15 10.10
CA ARG A 25 -26.43 -22.79 10.60
C ARG A 25 -25.16 -22.08 10.18
N SER A 26 -25.12 -20.75 10.31
CA SER A 26 -23.95 -20.01 9.89
C SER A 26 -23.34 -18.96 10.83
N CYS A 27 -24.19 -18.18 11.49
CA CYS A 27 -23.71 -17.10 12.37
C CYS A 27 -23.13 -16.08 11.37
N GLY A 28 -21.93 -15.56 11.64
CA GLY A 28 -21.31 -14.62 10.72
C GLY A 28 -21.78 -13.18 10.70
N PRO A 29 -21.07 -12.29 9.98
CA PRO A 29 -19.86 -12.51 9.16
C PRO A 29 -18.91 -13.61 9.63
N ASN A 33 -12.20 -9.16 17.26
CA ASN A 33 -11.26 -8.17 16.75
C ASN A 33 -11.95 -6.88 16.30
N SER A 34 -12.51 -6.15 17.27
CA SER A 34 -13.22 -4.89 17.02
C SER A 34 -12.46 -3.94 16.09
N PRO A 35 -13.16 -3.39 15.09
CA PRO A 35 -12.56 -2.46 14.13
C PRO A 35 -12.02 -1.18 14.76
N THR A 36 -11.20 -0.47 13.99
CA THR A 36 -10.58 0.74 14.49
C THR A 36 -10.78 1.99 13.62
N VAL A 37 -11.06 3.09 14.28
CA VAL A 37 -11.20 4.37 13.60
C VAL A 37 -9.91 5.13 13.86
N ILE A 38 -9.15 5.38 12.79
CA ILE A 38 -7.91 6.16 12.92
C ILE A 38 -8.32 7.63 12.74
N VAL A 39 -7.98 8.48 13.70
CA VAL A 39 -8.32 9.90 13.61
C VAL A 39 -7.13 10.78 13.30
N MET A 40 -7.13 11.40 12.13
CA MET A 40 -6.02 12.30 11.75
C MET A 40 -6.22 13.63 12.48
N VAL A 41 -5.13 14.27 12.87
CA VAL A 41 -5.18 15.52 13.61
C VAL A 41 -4.10 16.49 13.16
N GLY A 42 -4.46 17.76 13.00
CA GLY A 42 -3.48 18.76 12.61
C GLY A 42 -3.94 19.87 11.69
N LEU A 43 -3.13 20.93 11.64
CA LEU A 43 -3.41 22.08 10.79
C LEU A 43 -3.33 21.64 9.33
N PRO A 44 -3.91 22.44 8.42
CA PRO A 44 -3.82 22.02 7.01
C PRO A 44 -2.39 22.10 6.50
N ALA A 45 -2.12 21.30 5.46
CA ALA A 45 -0.79 21.20 4.84
C ALA A 45 0.23 20.55 5.78
N ARG A 46 -0.21 19.60 6.60
CA ARG A 46 0.70 18.91 7.51
C ARG A 46 0.92 17.45 7.10
N GLY A 47 0.40 17.09 5.92
CA GLY A 47 0.59 15.74 5.43
C GLY A 47 -0.45 14.73 5.91
N LYS A 48 -1.57 15.20 6.46
CA LYS A 48 -2.58 14.27 6.95
C LYS A 48 -3.15 13.34 5.87
N THR A 49 -3.50 13.91 4.72
CA THR A 49 -4.05 13.13 3.63
C THR A 49 -2.99 12.19 3.04
N TYR A 50 -1.75 12.66 3.00
CA TYR A 50 -0.65 11.89 2.47
C TYR A 50 -0.46 10.66 3.37
N ILE A 51 -0.43 10.89 4.68
CA ILE A 51 -0.26 9.80 5.62
C ILE A 51 -1.47 8.87 5.56
N SER A 52 -2.66 9.44 5.48
CA SER A 52 -3.90 8.66 5.41
C SER A 52 -3.87 7.69 4.24
N LYS A 53 -3.56 8.21 3.07
CA LYS A 53 -3.52 7.41 1.85
C LYS A 53 -2.40 6.38 1.85
N LYS A 54 -1.22 6.75 2.34
CA LYS A 54 -0.09 5.84 2.34
C LYS A 54 -0.27 4.70 3.35
N LEU A 55 -0.71 5.05 4.56
CA LEU A 55 -0.94 4.04 5.57
C LEU A 55 -2.01 3.06 5.06
N THR A 56 -3.03 3.60 4.42
CA THR A 56 -4.13 2.81 3.88
C THR A 56 -3.65 1.88 2.76
N ARG A 57 -2.72 2.37 1.94
CA ARG A 57 -2.14 1.60 0.86
C ARG A 57 -1.38 0.41 1.46
N TYR A 58 -0.66 0.67 2.53
CA TYR A 58 0.11 -0.37 3.22
C TYR A 58 -0.79 -1.42 3.88
N LEU A 59 -1.79 -0.99 4.65
CA LEU A 59 -2.68 -1.92 5.36
C LEU A 59 -3.43 -2.84 4.43
N ASN A 60 -4.01 -2.27 3.37
CA ASN A 60 -4.72 -3.10 2.41
C ASN A 60 -3.75 -4.11 1.79
N TRP A 61 -2.54 -3.69 1.44
CA TRP A 61 -1.55 -4.59 0.84
C TRP A 61 -1.21 -5.77 1.79
N ILE A 62 -1.01 -5.48 3.08
CA ILE A 62 -0.74 -6.59 3.99
C ILE A 62 -2.01 -7.37 4.34
N GLY A 63 -3.15 -6.98 3.77
CA GLY A 63 -4.37 -7.72 4.04
C GLY A 63 -5.35 -7.18 5.09
N VAL A 64 -5.19 -5.93 5.52
CA VAL A 64 -6.13 -5.40 6.49
C VAL A 64 -7.02 -4.39 5.75
N PRO A 65 -8.27 -4.79 5.40
CA PRO A 65 -9.18 -3.89 4.68
C PRO A 65 -9.30 -2.54 5.37
N THR A 66 -8.84 -1.52 4.67
CA THR A 66 -8.84 -0.18 5.22
C THR A 66 -9.38 0.82 4.21
N LYS A 67 -10.06 1.85 4.71
CA LYS A 67 -10.62 2.86 3.83
C LYS A 67 -10.49 4.26 4.43
N VAL A 68 -10.17 5.21 3.57
CA VAL A 68 -10.01 6.59 3.98
C VAL A 68 -11.33 7.34 3.80
N PHE A 69 -11.70 8.10 4.82
CA PHE A 69 -12.90 8.92 4.76
C PHE A 69 -12.40 10.35 4.91
N ASN A 70 -12.26 11.02 3.78
CA ASN A 70 -11.75 12.38 3.71
C ASN A 70 -12.93 13.33 3.78
N VAL A 71 -13.06 14.03 4.90
CA VAL A 71 -14.17 14.94 5.03
C VAL A 71 -14.09 15.99 3.93
N GLY A 72 -12.87 16.30 3.49
CA GLY A 72 -12.64 17.25 2.43
C GLY A 72 -13.50 16.95 1.20
N GLU A 73 -13.51 15.69 0.77
CA GLU A 73 -14.31 15.28 -0.39
C GLU A 73 -15.82 15.36 -0.14
N TYR A 74 -16.24 15.20 1.11
CA TYR A 74 -17.66 15.31 1.40
C TYR A 74 -18.08 16.78 1.20
N ARG A 75 -17.24 17.71 1.65
CA ARG A 75 -17.54 19.12 1.50
C ARG A 75 -17.51 19.52 0.03
N ARG A 76 -16.55 19.02 -0.72
CA ARG A 76 -16.49 19.35 -2.14
C ARG A 76 -17.71 18.80 -2.88
N GLU A 77 -18.34 17.80 -2.30
CA GLU A 77 -19.52 17.20 -2.92
C GLU A 77 -20.78 18.00 -2.58
N ALA A 78 -20.83 18.53 -1.36
CA ALA A 78 -22.00 19.28 -0.92
C ALA A 78 -21.99 20.76 -1.30
N VAL A 79 -20.84 21.32 -1.59
CA VAL A 79 -20.78 22.74 -1.93
C VAL A 79 -20.39 23.06 -3.38
N LYS A 80 -20.01 22.04 -4.14
CA LYS A 80 -19.67 22.18 -5.55
C LYS A 80 -18.37 22.87 -5.97
N GLN A 81 -18.22 24.18 -5.74
CA GLN A 81 -16.95 24.82 -6.12
C GLN A 81 -16.37 25.83 -5.14
N TYR A 82 -15.15 25.54 -4.69
CA TYR A 82 -14.44 26.39 -3.73
C TYR A 82 -14.14 27.76 -4.32
N SER A 83 -14.34 28.80 -3.50
CA SER A 83 -14.07 30.17 -3.92
C SER A 83 -12.89 30.74 -3.14
N SER A 84 -12.95 30.70 -1.81
CA SER A 84 -11.84 31.21 -1.01
C SER A 84 -11.81 30.69 0.42
N TYR A 85 -10.77 31.07 1.14
CA TYR A 85 -10.59 30.67 2.52
C TYR A 85 -11.72 31.15 3.41
N ASN A 86 -12.54 32.08 2.89
CA ASN A 86 -13.66 32.61 3.65
C ASN A 86 -14.59 31.50 4.09
N PHE A 87 -14.65 30.44 3.29
CA PHE A 87 -15.50 29.31 3.63
C PHE A 87 -15.08 28.75 4.98
N PHE A 88 -13.77 28.81 5.27
CA PHE A 88 -13.23 28.26 6.51
C PHE A 88 -13.09 29.20 7.72
N ARG A 89 -13.57 30.44 7.61
CA ARG A 89 -13.47 31.39 8.73
C ARG A 89 -14.22 30.87 9.95
N PRO A 90 -13.63 31.00 11.14
CA PRO A 90 -14.36 30.49 12.29
C PRO A 90 -15.67 31.22 12.55
N ASP A 91 -15.83 32.43 11.99
CA ASP A 91 -17.07 33.17 12.19
C ASP A 91 -18.13 32.86 11.13
N ASN A 92 -17.80 31.97 10.19
CA ASN A 92 -18.72 31.54 9.12
C ASN A 92 -19.67 30.49 9.69
N GLU A 93 -20.70 30.96 10.36
CA GLU A 93 -21.68 30.08 11.00
C GLU A 93 -22.24 28.99 10.07
N GLU A 94 -22.71 29.39 8.90
CA GLU A 94 -23.29 28.44 7.96
C GLU A 94 -22.28 27.38 7.48
N ALA A 95 -21.06 27.81 7.15
CA ALA A 95 -20.05 26.88 6.70
C ALA A 95 -19.62 25.95 7.84
N MET A 96 -19.61 26.47 9.06
CA MET A 96 -19.24 25.68 10.23
C MET A 96 -20.23 24.54 10.34
N LYS A 97 -21.49 24.85 10.02
CA LYS A 97 -22.57 23.88 10.07
C LYS A 97 -22.39 22.83 8.98
N VAL A 98 -22.14 23.29 7.77
CA VAL A 98 -21.92 22.39 6.64
C VAL A 98 -20.75 21.44 6.93
N ARG A 99 -19.64 21.99 7.42
CA ARG A 99 -18.45 21.22 7.75
C ARG A 99 -18.78 20.12 8.78
N LYS A 100 -19.53 20.48 9.80
CA LYS A 100 -19.92 19.51 10.82
C LYS A 100 -20.82 18.44 10.19
N GLN A 101 -21.78 18.86 9.36
CA GLN A 101 -22.67 17.91 8.72
C GLN A 101 -21.87 16.97 7.83
N CYS A 102 -20.80 17.48 7.20
CA CYS A 102 -19.97 16.64 6.35
C CYS A 102 -19.22 15.63 7.21
N ALA A 103 -18.80 16.05 8.40
CA ALA A 103 -18.08 15.17 9.30
C ALA A 103 -19.01 14.03 9.73
N LEU A 104 -20.22 14.37 10.15
CA LEU A 104 -21.20 13.37 10.61
C LEU A 104 -21.60 12.40 9.51
N ALA A 105 -21.72 12.88 8.29
CA ALA A 105 -22.09 12.02 7.18
C ALA A 105 -20.94 11.02 6.92
N ALA A 106 -19.69 11.49 7.07
CA ALA A 106 -18.52 10.65 6.87
C ALA A 106 -18.43 9.59 7.96
N LEU A 107 -18.75 9.98 9.20
CA LEU A 107 -18.75 9.04 10.31
C LEU A 107 -19.84 7.99 10.08
N ARG A 108 -20.94 8.43 9.47
CA ARG A 108 -22.07 7.57 9.14
C ARG A 108 -21.54 6.46 8.21
N ASP A 109 -20.79 6.86 7.19
CA ASP A 109 -20.21 5.92 6.25
C ASP A 109 -19.11 5.06 6.93
N VAL A 110 -18.41 5.65 7.90
CA VAL A 110 -17.39 4.92 8.64
C VAL A 110 -18.08 3.76 9.36
N LYS A 111 -19.18 4.07 10.04
CA LYS A 111 -19.95 3.09 10.78
C LYS A 111 -20.44 1.97 9.88
N SER A 112 -20.91 2.35 8.69
CA SER A 112 -21.42 1.38 7.75
C SER A 112 -20.28 0.53 7.17
N TYR A 113 -19.10 1.13 7.06
CA TYR A 113 -17.94 0.43 6.53
C TYR A 113 -17.41 -0.62 7.50
N LEU A 114 -17.20 -0.21 8.75
CA LEU A 114 -16.68 -1.10 9.77
C LEU A 114 -17.68 -2.11 10.34
N ALA A 115 -18.96 -1.75 10.38
CA ALA A 115 -19.96 -2.66 10.95
C ALA A 115 -20.76 -3.48 9.96
N LYS A 116 -20.75 -3.09 8.69
CA LYS A 116 -21.54 -3.83 7.72
C LYS A 116 -20.85 -4.26 6.43
N GLU A 117 -19.71 -3.66 6.11
CA GLU A 117 -19.03 -3.99 4.86
C GLU A 117 -17.73 -4.78 4.96
N GLY A 118 -17.39 -5.22 6.17
CA GLY A 118 -16.18 -6.00 6.33
C GLY A 118 -14.92 -5.21 6.52
N GLY A 119 -15.02 -3.88 6.61
CA GLY A 119 -13.86 -3.05 6.83
C GLY A 119 -13.31 -3.26 8.23
N GLN A 120 -12.03 -3.02 8.42
CA GLN A 120 -11.39 -3.23 9.72
C GLN A 120 -10.77 -1.95 10.24
N ILE A 121 -10.28 -1.12 9.32
CA ILE A 121 -9.68 0.15 9.71
C ILE A 121 -10.29 1.27 8.86
N ALA A 122 -10.81 2.29 9.52
CA ALA A 122 -11.37 3.44 8.81
C ALA A 122 -10.48 4.63 9.19
N VAL A 123 -9.96 5.33 8.19
CA VAL A 123 -9.10 6.48 8.47
C VAL A 123 -9.93 7.76 8.27
N PHE A 124 -10.25 8.41 9.38
CA PHE A 124 -11.03 9.66 9.40
C PHE A 124 -10.05 10.81 9.14
N ASP A 125 -9.98 11.24 7.89
CA ASP A 125 -9.04 12.27 7.47
C ASP A 125 -9.59 13.69 7.48
N ALA A 126 -9.25 14.44 8.52
CA ALA A 126 -9.70 15.82 8.65
C ALA A 126 -8.80 16.53 9.66
N THR A 127 -9.07 17.80 9.88
CA THR A 127 -8.26 18.58 10.81
C THR A 127 -8.44 18.14 12.26
N ASN A 128 -9.68 17.95 12.69
CA ASN A 128 -9.98 17.50 14.05
C ASN A 128 -9.05 18.18 15.05
N THR A 129 -8.92 19.50 14.92
CA THR A 129 -8.02 20.29 15.74
C THR A 129 -8.50 20.71 17.14
N THR A 130 -9.76 20.45 17.47
CA THR A 130 -10.26 20.86 18.79
C THR A 130 -10.60 19.64 19.64
N ARG A 131 -10.48 19.79 20.96
CA ARG A 131 -10.80 18.69 21.86
C ARG A 131 -12.27 18.36 21.71
N GLU A 132 -13.07 19.39 21.47
CA GLU A 132 -14.50 19.24 21.28
C GLU A 132 -14.83 18.33 20.09
N ARG A 133 -14.16 18.54 18.96
CA ARG A 133 -14.43 17.69 17.80
C ARG A 133 -13.97 16.25 18.05
N ARG A 134 -12.78 16.12 18.64
CA ARG A 134 -12.23 14.81 18.91
C ARG A 134 -13.10 14.08 19.92
N HIS A 135 -13.59 14.82 20.92
CA HIS A 135 -14.45 14.23 21.93
C HIS A 135 -15.69 13.62 21.27
N MET A 136 -16.23 14.31 20.26
CA MET A 136 -17.41 13.81 19.53
C MET A 136 -17.11 12.50 18.81
N ILE A 137 -15.92 12.40 18.21
CA ILE A 137 -15.52 11.20 17.49
C ILE A 137 -15.29 10.04 18.45
N LEU A 138 -14.71 10.36 19.58
CA LEU A 138 -14.46 9.38 20.63
C LEU A 138 -15.82 8.83 21.08
N HIS A 139 -16.82 9.71 21.19
CA HIS A 139 -18.16 9.31 21.61
C HIS A 139 -18.72 8.34 20.56
N PHE A 140 -18.57 8.73 19.31
CA PHE A 140 -19.02 7.92 18.19
C PHE A 140 -18.36 6.51 18.25
N ALA A 141 -17.07 6.49 18.55
CA ALA A 141 -16.34 5.23 18.62
C ALA A 141 -16.88 4.37 19.78
N LYS A 142 -17.00 4.99 20.95
CA LYS A 142 -17.49 4.31 22.13
C LYS A 142 -18.85 3.65 21.91
N GLU A 143 -19.80 4.41 21.37
CA GLU A 143 -21.13 3.88 21.15
C GLU A 143 -21.21 2.77 20.10
N ASN A 144 -20.24 2.71 19.19
CA ASN A 144 -20.25 1.68 18.16
C ASN A 144 -19.29 0.52 18.45
N ASP A 145 -18.59 0.60 19.58
CA ASP A 145 -17.64 -0.44 19.95
C ASP A 145 -16.45 -0.47 18.99
N PHE A 146 -15.98 0.72 18.63
CA PHE A 146 -14.82 0.85 17.75
C PHE A 146 -13.68 1.37 18.61
N LYS A 147 -12.46 0.95 18.30
CA LYS A 147 -11.31 1.45 19.04
C LYS A 147 -10.99 2.76 18.33
N ALA A 148 -10.23 3.62 18.98
CA ALA A 148 -9.87 4.89 18.36
C ALA A 148 -8.38 5.12 18.55
N PHE A 149 -7.70 5.49 17.46
CA PHE A 149 -6.27 5.75 17.49
C PHE A 149 -6.03 7.09 16.79
N PHE A 150 -5.27 7.98 17.41
CA PHE A 150 -5.04 9.29 16.82
C PHE A 150 -3.65 9.49 16.25
N ILE A 151 -3.58 10.08 15.06
CA ILE A 151 -2.31 10.38 14.43
C ILE A 151 -2.27 11.88 14.22
N GLU A 152 -1.37 12.56 14.92
CA GLU A 152 -1.27 13.99 14.76
C GLU A 152 0.05 14.38 14.14
N SER A 153 -0.02 15.16 13.07
CA SER A 153 1.21 15.61 12.44
C SER A 153 1.43 17.07 12.84
N VAL A 154 2.57 17.33 13.49
CA VAL A 154 2.91 18.67 13.93
C VAL A 154 4.12 19.13 13.14
N CYS A 155 3.99 20.28 12.49
CA CYS A 155 5.09 20.84 11.72
C CYS A 155 5.06 22.34 11.72
N ASP A 156 6.05 22.95 12.35
CA ASP A 156 6.11 24.40 12.42
C ASP A 156 7.28 24.96 11.61
N ASP A 157 7.59 24.31 10.50
CA ASP A 157 8.67 24.76 9.63
C ASP A 157 8.01 25.34 8.38
N PRO A 158 8.01 26.68 8.24
CA PRO A 158 7.39 27.36 7.08
C PRO A 158 7.88 26.83 5.74
N THR A 159 9.14 26.41 5.68
CA THR A 159 9.70 25.87 4.45
C THR A 159 8.96 24.58 4.07
N VAL A 160 8.63 23.76 5.07
CA VAL A 160 7.91 22.51 4.84
C VAL A 160 6.47 22.80 4.39
N VAL A 161 5.78 23.66 5.13
CA VAL A 161 4.40 24.02 4.80
C VAL A 161 4.35 24.62 3.39
N ALA A 162 5.27 25.54 3.10
CA ALA A 162 5.31 26.16 1.78
C ALA A 162 5.46 25.09 0.70
N SER A 163 6.40 24.17 0.90
CA SER A 163 6.65 23.11 -0.07
C SER A 163 5.41 22.24 -0.25
N ASN A 164 4.77 21.88 0.87
CA ASN A 164 3.57 21.06 0.84
C ASN A 164 2.48 21.74 0.00
N ILE A 165 2.29 23.04 0.22
CA ILE A 165 1.26 23.76 -0.53
C ILE A 165 1.55 23.74 -2.03
N MET A 166 2.80 23.98 -2.40
CA MET A 166 3.18 23.97 -3.81
C MET A 166 3.05 22.59 -4.44
N GLU A 167 3.32 21.55 -3.66
CA GLU A 167 3.27 20.18 -4.17
C GLU A 167 1.89 19.54 -4.33
N VAL A 168 0.94 19.86 -3.46
CA VAL A 168 -0.38 19.23 -3.58
C VAL A 168 -1.60 20.15 -3.48
N LYS A 169 -1.42 21.35 -2.95
CA LYS A 169 -2.56 22.23 -2.80
C LYS A 169 -2.92 23.08 -4.02
N ILE A 170 -1.94 23.78 -4.59
CA ILE A 170 -2.21 24.63 -5.74
C ILE A 170 -2.77 23.88 -6.94
N SER A 171 -2.52 22.58 -7.04
CA SER A 171 -3.05 21.80 -8.16
C SER A 171 -4.31 21.05 -7.73
N SER A 172 -4.76 21.33 -6.51
CA SER A 172 -5.95 20.73 -5.95
C SER A 172 -7.13 21.25 -6.76
N PRO A 173 -8.27 20.52 -6.76
CA PRO A 173 -9.42 20.99 -7.52
C PRO A 173 -10.04 22.26 -6.93
N ASP A 174 -9.76 22.50 -5.65
CA ASP A 174 -10.28 23.69 -4.99
C ASP A 174 -9.71 24.94 -5.64
N TYR A 175 -8.50 24.81 -6.19
CA TYR A 175 -7.86 25.95 -6.82
C TYR A 175 -7.80 25.86 -8.35
N LYS A 176 -8.73 25.13 -8.94
CA LYS A 176 -8.76 24.98 -10.39
C LYS A 176 -8.84 26.33 -11.11
N ASP A 177 -9.25 27.37 -10.39
CA ASP A 177 -9.36 28.70 -11.01
C ASP A 177 -8.44 29.73 -10.37
N CYS A 178 -7.27 29.27 -9.95
CA CYS A 178 -6.29 30.15 -9.34
C CYS A 178 -4.92 29.85 -9.93
N ASN A 179 -4.03 30.83 -9.87
CA ASN A 179 -2.67 30.64 -10.32
C ASN A 179 -1.89 30.36 -9.06
N SER A 180 -0.65 29.90 -9.19
CA SER A 180 0.15 29.58 -8.03
C SER A 180 0.12 30.63 -6.91
N ALA A 181 0.41 31.88 -7.27
CA ALA A 181 0.45 32.97 -6.30
C ALA A 181 -0.78 33.14 -5.41
N GLU A 182 -1.97 33.11 -6.01
CA GLU A 182 -3.19 33.29 -5.24
C GLU A 182 -3.61 32.06 -4.47
N ALA A 183 -3.39 30.88 -5.06
CA ALA A 183 -3.73 29.63 -4.40
C ALA A 183 -2.91 29.59 -3.11
N MET A 184 -1.60 29.83 -3.25
CA MET A 184 -0.70 29.83 -2.11
C MET A 184 -1.18 30.82 -1.04
N ASP A 185 -1.49 32.04 -1.48
CA ASP A 185 -1.95 33.08 -0.56
C ASP A 185 -3.25 32.67 0.10
N ASP A 186 -4.16 32.10 -0.69
CA ASP A 186 -5.45 31.67 -0.16
C ASP A 186 -5.27 30.54 0.86
N PHE A 187 -4.38 29.60 0.58
CA PHE A 187 -4.18 28.51 1.51
C PHE A 187 -3.55 28.95 2.82
N MET A 188 -2.64 29.92 2.77
CA MET A 188 -2.02 30.41 4.01
C MET A 188 -3.05 31.08 4.93
N LYS A 189 -3.98 31.81 4.34
CA LYS A 189 -5.03 32.49 5.12
C LYS A 189 -5.94 31.41 5.72
N ARG A 190 -6.18 30.38 4.93
CA ARG A 190 -7.01 29.26 5.35
C ARG A 190 -6.38 28.64 6.60
N ILE A 191 -5.09 28.35 6.54
CA ILE A 191 -4.41 27.78 7.69
C ILE A 191 -4.60 28.66 8.93
N SER A 192 -4.40 29.97 8.76
CA SER A 192 -4.53 30.91 9.87
C SER A 192 -5.88 30.85 10.56
N CYS A 193 -6.90 30.44 9.82
CA CYS A 193 -8.25 30.32 10.39
C CYS A 193 -8.31 29.33 11.56
N TYR A 194 -7.53 28.25 11.45
CA TYR A 194 -7.51 27.18 12.46
C TYR A 194 -6.56 27.45 13.62
N GLU A 195 -5.60 28.33 13.43
CA GLU A 195 -4.61 28.58 14.47
C GLU A 195 -5.07 29.00 15.86
N ALA A 196 -6.14 29.79 15.95
CA ALA A 196 -6.59 30.22 17.27
C ALA A 196 -7.20 29.11 18.11
N SER A 197 -8.03 28.27 17.50
CA SER A 197 -8.69 27.21 18.24
C SER A 197 -7.97 25.86 18.29
N TYR A 198 -6.79 25.78 17.68
CA TYR A 198 -6.02 24.53 17.64
C TYR A 198 -5.50 24.06 19.01
N GLN A 199 -6.00 22.89 19.44
CA GLN A 199 -5.59 22.30 20.70
C GLN A 199 -4.86 20.98 20.40
N PRO A 200 -3.53 21.02 20.30
CA PRO A 200 -2.81 19.77 20.02
C PRO A 200 -3.04 18.68 21.07
N LEU A 201 -2.75 17.44 20.70
CA LEU A 201 -2.93 16.34 21.62
C LEU A 201 -1.98 16.55 22.79
N ASP A 202 -2.45 16.25 23.98
CA ASP A 202 -1.65 16.41 25.20
C ASP A 202 -1.60 15.08 25.94
N PRO A 203 -0.75 14.15 25.48
CA PRO A 203 -0.64 12.84 26.11
C PRO A 203 -0.22 12.86 27.58
N ASP A 204 0.53 13.88 27.98
CA ASP A 204 0.99 13.97 29.35
C ASP A 204 -0.04 14.56 30.32
N LYS A 205 -1.19 14.99 29.81
CA LYS A 205 -2.22 15.57 30.66
C LYS A 205 -3.62 15.26 30.15
N CYS A 206 -4.19 16.21 29.41
CA CYS A 206 -5.53 16.08 28.87
C CYS A 206 -5.84 14.82 28.05
N ASP A 207 -4.86 14.30 27.33
CA ASP A 207 -5.10 13.10 26.51
C ASP A 207 -4.33 11.88 26.98
N ARG A 208 -4.05 11.82 28.28
CA ARG A 208 -3.31 10.71 28.87
C ARG A 208 -3.87 9.35 28.52
N ASP A 209 -5.18 9.25 28.41
CA ASP A 209 -5.82 7.97 28.13
C ASP A 209 -6.10 7.66 26.66
N LEU A 210 -5.73 8.56 25.75
CA LEU A 210 -5.97 8.30 24.34
C LEU A 210 -4.80 7.54 23.72
N SER A 211 -5.11 6.66 22.78
CA SER A 211 -4.07 5.92 22.08
C SER A 211 -3.64 6.84 20.95
N LEU A 212 -2.37 7.21 20.90
CA LEU A 212 -1.95 8.13 19.85
C LEU A 212 -0.47 8.16 19.53
N ILE A 213 -0.18 8.75 18.38
CA ILE A 213 1.18 8.97 17.94
C ILE A 213 1.19 10.41 17.40
N LYS A 214 2.15 11.17 17.86
CA LYS A 214 2.31 12.53 17.42
C LYS A 214 3.59 12.50 16.59
N VAL A 215 3.46 12.76 15.29
CA VAL A 215 4.58 12.78 14.34
C VAL A 215 5.10 14.22 14.27
N ILE A 216 6.35 14.43 14.67
CA ILE A 216 6.95 15.76 14.74
C ILE A 216 8.11 16.02 13.78
N ASP A 217 8.13 17.21 13.16
CA ASP A 217 9.18 17.62 12.21
C ASP A 217 9.37 16.57 11.13
N VAL A 218 8.28 16.24 10.45
CA VAL A 218 8.31 15.24 9.39
C VAL A 218 9.00 13.92 9.79
N GLY A 219 8.63 13.38 10.94
CA GLY A 219 9.19 12.10 11.36
C GLY A 219 10.53 12.15 12.05
N ARG A 220 10.88 13.32 12.57
CA ARG A 220 12.15 13.48 13.27
C ARG A 220 11.98 12.91 14.68
N ARG A 221 10.89 13.31 15.31
CA ARG A 221 10.61 12.90 16.67
C ARG A 221 9.21 12.31 16.73
N PHE A 222 8.98 11.44 17.71
CA PHE A 222 7.67 10.84 17.86
C PHE A 222 7.30 10.75 19.33
N LEU A 223 6.02 10.92 19.60
CA LEU A 223 5.50 10.80 20.94
C LEU A 223 4.41 9.76 20.73
N VAL A 224 4.54 8.62 21.41
CA VAL A 224 3.58 7.53 21.29
C VAL A 224 2.97 7.27 22.65
N ASN A 225 1.65 7.19 22.68
CA ASN A 225 0.93 6.95 23.92
C ASN A 225 -0.03 5.79 23.80
N ARG A 226 0.15 4.86 24.72
CA ARG A 226 -0.62 3.63 24.87
C ARG A 226 -1.22 2.89 23.68
N VAL A 227 -0.37 2.14 22.98
CA VAL A 227 -0.80 1.32 21.85
C VAL A 227 -1.67 0.20 22.45
N GLN A 228 -2.82 -0.06 21.84
CA GLN A 228 -3.74 -1.06 22.37
C GLN A 228 -3.63 -2.50 21.85
N ASP A 229 -3.33 -2.67 20.57
CA ASP A 229 -3.27 -4.01 20.00
C ASP A 229 -2.19 -4.19 18.93
N HIS A 230 -2.22 -5.33 18.25
CA HIS A 230 -1.22 -5.58 17.24
C HIS A 230 -1.29 -4.62 16.08
N ILE A 231 -2.51 -4.37 15.57
CA ILE A 231 -2.64 -3.47 14.42
C ILE A 231 -2.09 -2.06 14.71
N GLN A 232 -2.40 -1.49 15.88
CA GLN A 232 -1.87 -0.17 16.22
C GLN A 232 -0.33 -0.24 16.29
N SER A 233 0.17 -1.36 16.82
CA SER A 233 1.60 -1.58 16.92
C SER A 233 2.28 -1.56 15.53
N ARG A 234 1.66 -2.23 14.56
CA ARG A 234 2.19 -2.28 13.20
C ARG A 234 2.10 -0.89 12.55
N ILE A 235 1.04 -0.16 12.85
CA ILE A 235 0.83 1.17 12.31
C ILE A 235 1.91 2.12 12.80
N VAL A 236 2.19 2.06 14.10
CA VAL A 236 3.20 2.90 14.70
C VAL A 236 4.58 2.63 14.07
N TYR A 237 4.91 1.34 13.98
CA TYR A 237 6.18 0.92 13.37
C TYR A 237 6.30 1.49 11.94
N TYR A 238 5.26 1.31 11.15
CA TYR A 238 5.24 1.80 9.77
C TYR A 238 5.45 3.32 9.71
N LEU A 239 4.62 4.07 10.43
CA LEU A 239 4.72 5.52 10.46
C LEU A 239 6.07 6.05 10.89
N MET A 240 6.77 5.32 11.76
CA MET A 240 8.08 5.78 12.23
C MET A 240 9.23 5.45 11.28
N ASN A 241 8.92 4.74 10.18
CA ASN A 241 9.99 4.38 9.26
C ASN A 241 9.86 4.94 7.83
N ILE A 242 8.79 5.67 7.57
CA ILE A 242 8.61 6.27 6.25
C ILE A 242 9.16 7.68 6.34
N HIS A 243 9.54 8.25 5.21
CA HIS A 243 10.10 9.59 5.19
C HIS A 243 9.69 10.20 3.86
N VAL A 244 10.01 11.48 3.66
CA VAL A 244 9.64 12.13 2.42
C VAL A 244 10.82 12.65 1.61
N GLN A 245 12.03 12.23 1.97
CA GLN A 245 13.21 12.67 1.23
C GLN A 245 13.10 12.13 -0.19
N PRO A 246 13.50 12.93 -1.19
CA PRO A 246 13.38 12.40 -2.56
C PRO A 246 14.39 11.31 -2.87
N ARG A 247 13.96 10.33 -3.65
CA ARG A 247 14.81 9.24 -4.03
C ARG A 247 14.09 8.51 -5.13
N THR A 248 14.69 7.44 -5.62
CA THR A 248 14.08 6.71 -6.70
C THR A 248 14.18 5.22 -6.45
N ILE A 249 13.12 4.49 -6.76
CA ILE A 249 13.14 3.04 -6.58
C ILE A 249 13.06 2.38 -7.95
N TYR A 250 13.99 1.49 -8.23
CA TYR A 250 14.01 0.77 -9.50
C TYR A 250 13.75 -0.71 -9.24
N LEU A 251 12.86 -1.29 -10.03
CA LEU A 251 12.53 -2.70 -9.92
C LEU A 251 12.71 -3.35 -11.30
N CYS A 252 13.27 -4.55 -11.33
CA CYS A 252 13.42 -5.26 -12.60
C CYS A 252 13.65 -6.71 -12.28
N ARG A 253 13.42 -7.57 -13.26
CA ARG A 253 13.65 -8.97 -13.04
C ARG A 253 15.07 -9.31 -13.43
N HIS A 254 15.48 -10.52 -13.07
CA HIS A 254 16.79 -11.04 -13.40
C HIS A 254 16.82 -11.05 -14.94
N GLY A 255 18.01 -11.01 -15.52
CA GLY A 255 18.06 -11.12 -16.97
C GLY A 255 17.46 -12.48 -17.31
N GLU A 256 17.01 -12.65 -18.56
CA GLU A 256 16.42 -13.91 -19.03
C GLU A 256 17.28 -15.12 -18.65
N ASN A 257 16.66 -16.21 -18.21
CA ASN A 257 17.44 -17.40 -17.84
C ASN A 257 17.08 -18.64 -18.65
N GLU A 258 17.85 -19.70 -18.47
CA GLU A 258 17.62 -20.93 -19.23
C GLU A 258 16.25 -21.51 -19.03
N HIS A 259 15.72 -21.42 -17.81
CA HIS A 259 14.39 -21.95 -17.55
C HIS A 259 13.35 -21.12 -18.31
N ASN A 260 13.62 -19.83 -18.45
CA ASN A 260 12.69 -18.98 -19.19
C ASN A 260 12.62 -19.52 -20.63
N LEU A 261 13.79 -19.77 -21.23
CA LEU A 261 13.84 -20.29 -22.58
C LEU A 261 13.01 -21.58 -22.75
N GLN A 262 13.04 -22.46 -21.75
CA GLN A 262 12.30 -23.71 -21.80
C GLN A 262 10.86 -23.57 -21.31
N GLY A 263 10.48 -22.38 -20.89
CA GLY A 263 9.12 -22.22 -20.39
C GLY A 263 8.92 -22.98 -19.08
N ARG A 264 9.98 -23.13 -18.29
CA ARG A 264 9.87 -23.84 -17.01
C ARG A 264 9.77 -22.88 -15.85
N ILE A 265 8.96 -23.23 -14.85
CA ILE A 265 8.79 -22.36 -13.70
C ILE A 265 9.70 -22.75 -12.54
N GLY A 266 10.01 -21.77 -11.67
CA GLY A 266 10.87 -22.02 -10.53
C GLY A 266 12.30 -22.32 -10.90
N GLY A 267 12.93 -23.21 -10.14
CA GLY A 267 14.30 -23.59 -10.41
C GLY A 267 15.30 -22.52 -10.03
N ASP A 268 16.57 -22.78 -10.29
CA ASP A 268 17.63 -21.84 -9.97
C ASP A 268 18.65 -21.86 -11.12
N SER A 269 18.15 -21.64 -12.35
CA SER A 269 19.01 -21.65 -13.54
C SER A 269 19.76 -20.35 -13.72
N GLY A 270 20.82 -20.38 -14.52
CA GLY A 270 21.62 -19.19 -14.77
C GLY A 270 21.14 -18.39 -15.97
N LEU A 271 21.75 -17.22 -16.16
CA LEU A 271 21.38 -16.33 -17.26
C LEU A 271 21.71 -16.91 -18.64
N SER A 272 20.81 -16.68 -19.59
CA SER A 272 21.02 -17.11 -20.98
C SER A 272 21.94 -16.07 -21.59
N SER A 273 22.30 -16.24 -22.87
CA SER A 273 23.17 -15.26 -23.50
C SER A 273 22.48 -13.89 -23.54
N ARG A 274 21.17 -13.89 -23.74
CA ARG A 274 20.45 -12.61 -23.78
C ARG A 274 20.37 -11.99 -22.37
N GLY A 275 20.06 -12.81 -21.36
CA GLY A 275 19.98 -12.31 -20.00
C GLY A 275 21.28 -11.60 -19.66
N LYS A 276 22.41 -12.18 -20.08
CA LYS A 276 23.70 -11.57 -19.81
C LYS A 276 23.85 -10.23 -20.53
N LYS A 277 23.29 -10.13 -21.74
CA LYS A 277 23.35 -8.87 -22.48
C LYS A 277 22.52 -7.84 -21.70
N PHE A 278 21.39 -8.28 -21.17
CA PHE A 278 20.54 -7.40 -20.39
C PHE A 278 21.30 -6.88 -19.19
N ALA A 279 22.07 -7.77 -18.54
CA ALA A 279 22.85 -7.39 -17.37
C ALA A 279 23.81 -6.27 -17.70
N SER A 280 24.50 -6.39 -18.84
CA SER A 280 25.44 -5.34 -19.25
C SER A 280 24.68 -4.06 -19.52
N ALA A 281 23.54 -4.18 -20.19
CA ALA A 281 22.73 -3.00 -20.50
C ALA A 281 22.21 -2.36 -19.21
N LEU A 282 21.88 -3.19 -18.23
CA LEU A 282 21.38 -2.68 -16.94
C LEU A 282 22.49 -1.85 -16.31
N SER A 283 23.72 -2.31 -16.42
CA SER A 283 24.84 -1.57 -15.86
C SER A 283 24.98 -0.21 -16.51
N LYS A 284 24.80 -0.17 -17.83
CA LYS A 284 24.92 1.08 -18.56
C LYS A 284 23.80 2.02 -18.12
N PHE A 285 22.59 1.49 -18.04
CA PHE A 285 21.45 2.29 -17.60
C PHE A 285 21.66 2.89 -16.20
N VAL A 286 22.15 2.07 -15.26
CA VAL A 286 22.35 2.55 -13.90
C VAL A 286 23.36 3.68 -13.88
N GLU A 287 24.43 3.46 -14.63
CA GLU A 287 25.51 4.41 -14.77
C GLU A 287 24.97 5.76 -15.27
N GLU A 288 24.11 5.70 -16.28
CA GLU A 288 23.56 6.93 -16.85
C GLU A 288 22.54 7.63 -15.95
N GLN A 289 21.98 6.92 -14.98
CA GLN A 289 21.02 7.55 -14.07
C GLN A 289 21.75 8.52 -13.15
N ASN A 290 23.06 8.33 -13.02
CA ASN A 290 23.89 9.23 -12.24
C ASN A 290 23.42 9.39 -10.79
N LEU A 291 23.34 8.29 -10.06
CA LEU A 291 22.88 8.35 -8.67
C LEU A 291 24.05 8.42 -7.70
N LYS A 292 23.98 9.40 -6.79
CA LYS A 292 25.05 9.59 -5.80
C LYS A 292 25.35 8.25 -5.15
N ASP A 293 24.33 7.70 -4.50
CA ASP A 293 24.43 6.41 -3.85
C ASP A 293 23.26 5.60 -4.36
N LEU A 294 23.41 4.29 -4.36
CA LEU A 294 22.37 3.38 -4.81
C LEU A 294 22.56 2.01 -4.15
N ARG A 295 21.51 1.53 -3.48
CA ARG A 295 21.59 0.21 -2.87
C ARG A 295 21.05 -0.79 -3.87
N VAL A 296 21.66 -1.95 -3.94
CA VAL A 296 21.21 -2.99 -4.87
C VAL A 296 20.86 -4.25 -4.08
N TRP A 297 19.64 -4.74 -4.32
CA TRP A 297 19.14 -5.93 -3.65
C TRP A 297 18.80 -6.99 -4.68
N THR A 298 19.09 -8.25 -4.34
CA THR A 298 18.82 -9.38 -5.22
C THR A 298 18.15 -10.45 -4.36
N SER A 299 17.69 -11.53 -4.98
CA SER A 299 17.13 -12.63 -4.22
C SER A 299 18.38 -13.50 -3.98
N GLN A 300 18.21 -14.73 -3.52
CA GLN A 300 19.36 -15.58 -3.34
C GLN A 300 19.46 -16.56 -4.49
N LEU A 301 18.64 -16.34 -5.53
CA LEU A 301 18.68 -17.23 -6.70
C LEU A 301 19.72 -16.71 -7.69
N LYS A 302 20.44 -17.64 -8.29
CA LYS A 302 21.51 -17.35 -9.24
C LYS A 302 21.26 -16.25 -10.29
N SER A 303 20.13 -16.33 -11.00
CA SER A 303 19.85 -15.35 -12.05
C SER A 303 19.87 -13.90 -11.60
N THR A 304 19.28 -13.58 -10.45
CA THR A 304 19.31 -12.18 -10.02
C THR A 304 20.71 -11.75 -9.60
N ILE A 305 21.46 -12.69 -9.03
CA ILE A 305 22.82 -12.41 -8.58
C ILE A 305 23.78 -12.21 -9.76
N GLN A 306 23.67 -13.05 -10.78
CA GLN A 306 24.52 -12.87 -11.95
C GLN A 306 24.22 -11.49 -12.55
N THR A 307 22.95 -11.11 -12.55
CA THR A 307 22.56 -9.82 -13.09
C THR A 307 23.23 -8.69 -12.32
N ALA A 308 23.15 -8.74 -10.99
CA ALA A 308 23.76 -7.71 -10.15
C ALA A 308 25.28 -7.70 -10.28
N GLU A 309 25.87 -8.86 -10.53
CA GLU A 309 27.34 -8.89 -10.68
C GLU A 309 27.83 -7.96 -11.79
N ALA A 310 27.03 -7.86 -12.87
CA ALA A 310 27.39 -7.01 -14.01
C ALA A 310 27.43 -5.54 -13.65
N LEU A 311 26.82 -5.16 -12.53
CA LEU A 311 26.79 -3.76 -12.12
C LEU A 311 28.08 -3.27 -11.50
N ARG A 312 28.87 -4.19 -10.96
CA ARG A 312 30.11 -3.83 -10.30
C ARG A 312 29.79 -2.88 -9.14
N LEU A 313 28.71 -3.20 -8.43
CA LEU A 313 28.29 -2.43 -7.26
C LEU A 313 27.99 -3.38 -6.12
N PRO A 314 28.21 -2.94 -4.86
CA PRO A 314 27.90 -3.89 -3.78
C PRO A 314 26.41 -4.16 -3.78
N TYR A 315 26.02 -5.40 -3.53
CA TYR A 315 24.62 -5.76 -3.52
C TYR A 315 24.31 -6.66 -2.34
N GLU A 316 23.04 -6.75 -1.98
CA GLU A 316 22.65 -7.52 -0.83
C GLU A 316 21.60 -8.57 -1.23
N GLN A 317 21.84 -9.82 -0.85
CA GLN A 317 20.93 -10.92 -1.14
C GLN A 317 19.85 -11.07 -0.07
N TRP A 318 18.59 -11.15 -0.51
CA TRP A 318 17.46 -11.33 0.41
C TRP A 318 16.75 -12.64 0.06
N LYS A 319 16.67 -13.57 0.99
CA LYS A 319 15.98 -14.82 0.71
C LYS A 319 14.50 -14.50 0.46
N ALA A 320 14.03 -13.42 1.09
CA ALA A 320 12.64 -13.00 0.93
C ALA A 320 12.33 -12.56 -0.52
N LEU A 321 13.35 -12.29 -1.31
CA LEU A 321 13.11 -11.89 -2.70
C LEU A 321 13.08 -13.07 -3.67
N ASN A 322 13.29 -14.27 -3.15
CA ASN A 322 13.27 -15.48 -3.99
C ASN A 322 11.87 -15.60 -4.59
N GLU A 323 11.81 -16.08 -5.83
CA GLU A 323 10.54 -16.23 -6.53
C GLU A 323 9.58 -17.14 -5.76
N ILE A 324 8.29 -16.99 -6.03
CA ILE A 324 7.27 -17.80 -5.38
C ILE A 324 7.68 -19.27 -5.49
N ASP A 325 7.50 -20.03 -4.41
CA ASP A 325 7.87 -21.46 -4.40
C ASP A 325 6.72 -22.28 -4.94
N ALA A 326 6.92 -22.90 -6.10
CA ALA A 326 5.87 -23.68 -6.72
C ALA A 326 5.69 -25.11 -6.17
N GLY A 327 6.32 -25.41 -5.03
CA GLY A 327 6.16 -26.73 -4.44
C GLY A 327 6.50 -27.93 -5.32
N VAL A 328 5.54 -28.83 -5.53
CA VAL A 328 5.79 -30.00 -6.38
C VAL A 328 5.80 -29.66 -7.87
N CYS A 329 5.53 -28.41 -8.21
CA CYS A 329 5.50 -28.00 -9.60
C CYS A 329 6.77 -27.28 -10.02
N GLU A 330 7.69 -27.14 -9.09
CA GLU A 330 8.96 -26.49 -9.39
C GLU A 330 9.64 -27.29 -10.51
N GLU A 331 10.27 -26.56 -11.44
CA GLU A 331 10.99 -27.14 -12.57
C GLU A 331 10.12 -27.58 -13.74
N LEU A 332 8.81 -27.49 -13.57
CA LEU A 332 7.85 -27.89 -14.62
C LEU A 332 7.43 -26.77 -15.59
N THR A 333 7.04 -27.17 -16.80
CA THR A 333 6.53 -26.19 -17.78
C THR A 333 5.05 -26.16 -17.42
N TYR A 334 4.35 -25.11 -17.83
CA TYR A 334 2.93 -25.03 -17.52
C TYR A 334 2.18 -26.16 -18.21
N GLU A 335 2.71 -26.59 -19.35
CA GLU A 335 2.12 -27.69 -20.11
C GLU A 335 2.14 -28.96 -19.25
N GLU A 336 3.28 -29.22 -18.63
CA GLU A 336 3.44 -30.38 -17.77
C GLU A 336 2.58 -30.29 -16.52
N ILE A 337 2.34 -29.07 -16.06
CA ILE A 337 1.51 -28.86 -14.87
C ILE A 337 0.07 -29.20 -15.23
N ARG A 338 -0.38 -28.66 -16.35
CA ARG A 338 -1.75 -28.89 -16.82
C ARG A 338 -1.99 -30.38 -17.06
N ASP A 339 -0.99 -31.07 -17.59
CA ASP A 339 -1.14 -32.49 -17.86
C ASP A 339 -1.00 -33.37 -16.62
N THR A 340 -0.03 -33.06 -15.76
CA THR A 340 0.18 -33.86 -14.57
C THR A 340 -0.75 -33.47 -13.42
N TYR A 341 -1.03 -32.18 -13.27
CA TYR A 341 -1.92 -31.71 -12.20
C TYR A 341 -3.09 -30.89 -12.73
N PRO A 342 -3.90 -31.48 -13.63
CA PRO A 342 -5.05 -30.76 -14.21
C PRO A 342 -5.90 -29.98 -13.19
N GLU A 343 -6.22 -30.63 -12.08
CA GLU A 343 -7.03 -30.00 -11.05
C GLU A 343 -6.31 -28.78 -10.41
N GLU A 344 -5.03 -28.93 -10.09
CA GLU A 344 -4.27 -27.84 -9.49
C GLU A 344 -4.18 -26.67 -10.49
N TYR A 345 -3.94 -26.99 -11.75
CA TYR A 345 -3.84 -26.00 -12.82
C TYR A 345 -5.12 -25.16 -12.87
N ALA A 346 -6.26 -25.84 -12.97
CA ALA A 346 -7.54 -25.16 -13.04
C ALA A 346 -7.82 -24.35 -11.77
N LEU A 347 -7.53 -24.92 -10.60
CA LEU A 347 -7.76 -24.21 -9.34
C LEU A 347 -6.97 -22.91 -9.26
N ARG A 348 -5.72 -22.94 -9.69
CA ARG A 348 -4.91 -21.74 -9.66
C ARG A 348 -5.44 -20.67 -10.63
N GLU A 349 -5.99 -21.12 -11.75
CA GLU A 349 -6.54 -20.20 -12.73
C GLU A 349 -7.80 -19.49 -12.22
N GLN A 350 -8.52 -20.14 -11.32
CA GLN A 350 -9.75 -19.54 -10.80
C GLN A 350 -9.49 -18.65 -9.59
N ASP A 351 -8.36 -18.85 -8.92
CA ASP A 351 -8.07 -18.04 -7.75
C ASP A 351 -6.55 -17.85 -7.60
N LYS A 352 -5.97 -17.21 -8.61
CA LYS A 352 -4.52 -17.03 -8.65
C LYS A 352 -3.87 -16.33 -7.47
N TYR A 353 -4.57 -15.44 -6.81
CA TYR A 353 -3.97 -14.77 -5.67
C TYR A 353 -3.93 -15.69 -4.44
N TYR A 354 -5.03 -16.37 -4.14
CA TYR A 354 -5.05 -17.22 -2.95
C TYR A 354 -4.52 -18.63 -3.13
N TYR A 355 -4.53 -19.13 -4.36
CA TYR A 355 -4.05 -20.47 -4.61
C TYR A 355 -2.63 -20.75 -4.14
N ARG A 356 -2.47 -21.84 -3.43
CA ARG A 356 -1.15 -22.22 -2.97
C ARG A 356 -0.73 -23.53 -3.65
N TYR A 357 0.48 -23.55 -4.20
CA TYR A 357 1.03 -24.75 -4.81
C TYR A 357 1.22 -25.82 -3.72
N PRO A 358 1.07 -27.12 -4.06
CA PRO A 358 1.23 -28.21 -3.10
C PRO A 358 2.65 -28.21 -2.54
N THR A 359 2.76 -27.95 -1.23
CA THR A 359 4.02 -27.85 -0.51
C THR A 359 4.75 -26.58 -0.95
N GLY A 360 4.00 -25.66 -1.57
CA GLY A 360 4.55 -24.41 -2.05
C GLY A 360 3.84 -23.16 -1.54
N GLU A 361 3.84 -22.10 -2.34
CA GLU A 361 3.24 -20.83 -1.91
C GLU A 361 2.14 -20.23 -2.80
N SER A 362 1.55 -19.16 -2.30
CA SER A 362 0.53 -18.40 -2.98
C SER A 362 1.06 -16.96 -3.03
N TYR A 363 0.38 -16.08 -3.75
CA TYR A 363 0.78 -14.68 -3.81
C TYR A 363 0.56 -14.10 -2.41
N GLN A 364 -0.45 -14.62 -1.72
CA GLN A 364 -0.75 -14.19 -0.36
C GLN A 364 0.45 -14.44 0.55
N ASP A 365 1.09 -15.60 0.40
CA ASP A 365 2.26 -15.91 1.21
C ASP A 365 3.42 -14.99 0.79
N LEU A 366 3.49 -14.70 -0.50
CA LEU A 366 4.54 -13.84 -1.00
C LEU A 366 4.50 -12.50 -0.28
N VAL A 367 3.31 -11.91 -0.23
CA VAL A 367 3.13 -10.63 0.41
C VAL A 367 3.63 -10.65 1.85
N GLN A 368 3.27 -11.69 2.61
CA GLN A 368 3.71 -11.78 3.99
C GLN A 368 5.21 -11.87 4.04
N ARG A 369 5.80 -12.63 3.13
CA ARG A 369 7.24 -12.80 3.05
C ARG A 369 7.93 -11.47 2.71
N LEU A 370 7.27 -10.66 1.90
CA LEU A 370 7.85 -9.39 1.45
C LEU A 370 7.67 -8.17 2.38
N GLU A 371 6.84 -8.28 3.41
CA GLU A 371 6.64 -7.16 4.33
C GLU A 371 7.96 -6.51 4.79
N PRO A 372 8.93 -7.31 5.24
CA PRO A 372 10.20 -6.71 5.69
C PRO A 372 10.94 -5.97 4.57
N VAL A 373 10.76 -6.42 3.33
CA VAL A 373 11.44 -5.79 2.19
C VAL A 373 10.78 -4.43 2.00
N ILE A 374 9.46 -4.40 2.05
CA ILE A 374 8.73 -3.15 1.89
C ILE A 374 9.13 -2.16 2.99
N MET A 375 9.19 -2.63 4.23
CA MET A 375 9.53 -1.75 5.34
C MET A 375 10.92 -1.18 5.16
N GLU A 376 11.87 -2.01 4.75
CA GLU A 376 13.22 -1.51 4.57
C GLU A 376 13.30 -0.58 3.36
N LEU A 377 12.50 -0.84 2.32
CA LEU A 377 12.47 0.00 1.12
C LEU A 377 11.95 1.40 1.52
N GLU A 378 11.01 1.45 2.44
CA GLU A 378 10.48 2.72 2.91
C GLU A 378 11.59 3.51 3.61
N ARG A 379 12.41 2.82 4.40
CA ARG A 379 13.50 3.48 5.12
C ARG A 379 14.62 3.98 4.22
N GLN A 380 14.93 3.25 3.16
CA GLN A 380 16.04 3.59 2.25
C GLN A 380 15.83 4.80 1.36
N GLU A 381 16.84 5.06 0.53
CA GLU A 381 16.79 6.15 -0.43
C GLU A 381 16.74 5.55 -1.83
N ASN A 382 17.82 5.66 -2.58
CA ASN A 382 17.86 5.07 -3.92
C ASN A 382 18.10 3.57 -3.80
N VAL A 383 17.25 2.78 -4.42
CA VAL A 383 17.41 1.33 -4.34
C VAL A 383 17.00 0.66 -5.65
N LEU A 384 17.74 -0.35 -6.05
CA LEU A 384 17.43 -1.11 -7.25
C LEU A 384 17.17 -2.51 -6.71
N VAL A 385 16.00 -3.05 -7.01
CA VAL A 385 15.64 -4.39 -6.57
C VAL A 385 15.60 -5.29 -7.78
N ILE A 386 16.46 -6.30 -7.81
CA ILE A 386 16.50 -7.23 -8.93
C ILE A 386 15.85 -8.52 -8.45
N CYS A 387 14.65 -8.82 -8.96
CA CYS A 387 13.93 -9.99 -8.51
C CYS A 387 13.35 -10.92 -9.56
N HIS A 388 12.13 -11.40 -9.31
CA HIS A 388 11.46 -12.33 -10.21
C HIS A 388 10.01 -11.88 -10.48
N GLN A 389 9.37 -12.50 -11.46
CA GLN A 389 8.01 -12.13 -11.86
C GLN A 389 6.97 -11.96 -10.76
N ALA A 390 6.65 -13.05 -10.04
CA ALA A 390 5.65 -12.98 -8.98
C ALA A 390 6.03 -11.96 -7.91
N VAL A 391 7.28 -12.00 -7.46
CA VAL A 391 7.78 -11.07 -6.45
C VAL A 391 7.63 -9.62 -6.90
N LEU A 392 8.02 -9.33 -8.14
CA LEU A 392 7.91 -7.98 -8.66
C LEU A 392 6.43 -7.54 -8.72
N ARG A 393 5.56 -8.44 -9.13
CA ARG A 393 4.14 -8.11 -9.16
C ARG A 393 3.67 -7.67 -7.75
N CYS A 394 4.09 -8.41 -6.71
CA CYS A 394 3.66 -8.05 -5.35
C CYS A 394 4.20 -6.70 -4.92
N LEU A 395 5.46 -6.46 -5.20
CA LEU A 395 6.08 -5.20 -4.84
C LEU A 395 5.38 -4.06 -5.57
N LEU A 396 5.18 -4.21 -6.88
CA LEU A 396 4.52 -3.20 -7.68
C LEU A 396 3.10 -2.94 -7.18
N ALA A 397 2.39 -4.00 -6.77
CA ALA A 397 1.04 -3.86 -6.27
C ALA A 397 1.00 -2.95 -5.03
N TYR A 398 2.06 -3.01 -4.23
CA TYR A 398 2.14 -2.17 -3.04
C TYR A 398 2.35 -0.70 -3.45
N PHE A 399 3.35 -0.47 -4.30
CA PHE A 399 3.65 0.89 -4.72
C PHE A 399 2.55 1.57 -5.54
N LEU A 400 1.87 0.80 -6.38
CA LEU A 400 0.82 1.33 -7.23
C LEU A 400 -0.58 1.10 -6.71
N ASP A 401 -0.68 0.62 -5.47
CA ASP A 401 -1.97 0.38 -4.84
C ASP A 401 -2.94 -0.47 -5.70
N LYS A 402 -2.44 -1.62 -6.16
CA LYS A 402 -3.24 -2.54 -6.95
C LYS A 402 -3.84 -3.56 -6.02
N SER A 403 -5.04 -4.05 -6.35
CA SER A 403 -5.71 -5.01 -5.49
C SER A 403 -5.11 -6.41 -5.58
N ALA A 404 -5.50 -7.26 -4.64
CA ALA A 404 -5.04 -8.63 -4.61
C ALA A 404 -5.53 -9.35 -5.87
N GLU A 405 -6.73 -9.02 -6.32
CA GLU A 405 -7.28 -9.67 -7.51
C GLU A 405 -6.44 -9.36 -8.76
N GLU A 406 -5.95 -8.12 -8.89
CA GLU A 406 -5.16 -7.78 -10.07
C GLU A 406 -3.66 -8.05 -9.91
N MET A 407 -3.18 -8.12 -8.66
CA MET A 407 -1.77 -8.34 -8.40
C MET A 407 -1.12 -9.46 -9.21
N PRO A 408 -1.67 -10.67 -9.18
CA PRO A 408 -1.05 -11.75 -9.96
C PRO A 408 -1.07 -11.63 -11.48
N TYR A 409 -1.75 -10.61 -12.00
CA TYR A 409 -1.81 -10.44 -13.44
C TYR A 409 -1.12 -9.16 -13.94
N LEU A 410 -0.44 -8.44 -13.05
CA LEU A 410 0.25 -7.23 -13.45
C LEU A 410 1.31 -7.62 -14.48
N LYS A 411 1.60 -6.74 -15.43
CA LYS A 411 2.58 -7.05 -16.45
C LYS A 411 3.95 -6.58 -16.00
N CYS A 412 4.89 -7.52 -15.92
CA CYS A 412 6.25 -7.18 -15.47
C CYS A 412 7.19 -7.97 -16.37
N PRO A 413 7.43 -7.45 -17.58
CA PRO A 413 8.31 -8.12 -18.54
C PRO A 413 9.81 -8.12 -18.25
N LEU A 414 10.47 -9.10 -18.80
CA LEU A 414 11.90 -9.23 -18.67
C LEU A 414 12.59 -8.01 -19.28
N HIS A 415 13.85 -7.84 -18.92
CA HIS A 415 14.69 -6.79 -19.46
C HIS A 415 14.09 -5.40 -19.42
N THR A 416 13.15 -5.18 -18.51
CA THR A 416 12.49 -3.91 -18.38
C THR A 416 12.59 -3.35 -16.95
N VAL A 417 13.06 -2.12 -16.83
CA VAL A 417 13.20 -1.46 -15.55
C VAL A 417 12.00 -0.55 -15.23
N LEU A 418 11.37 -0.75 -14.07
CA LEU A 418 10.26 0.11 -13.65
C LEU A 418 10.86 1.15 -12.72
N LYS A 419 10.84 2.40 -13.16
CA LYS A 419 11.40 3.49 -12.38
C LYS A 419 10.29 4.17 -11.60
N LEU A 420 10.35 4.09 -10.27
CA LEU A 420 9.32 4.68 -9.42
C LEU A 420 9.82 5.92 -8.70
N THR A 421 9.11 7.02 -8.92
CA THR A 421 9.48 8.28 -8.28
C THR A 421 8.30 8.79 -7.45
N PRO A 422 8.54 9.06 -6.16
CA PRO A 422 7.52 9.57 -5.22
C PRO A 422 7.09 10.97 -5.57
N VAL A 423 5.80 11.14 -5.84
CA VAL A 423 5.25 12.43 -6.20
C VAL A 423 3.81 12.60 -5.70
N ALA A 424 3.55 13.72 -5.03
CA ALA A 424 2.22 14.02 -4.49
C ALA A 424 1.79 12.97 -3.48
N TYR A 425 0.69 12.28 -3.75
CA TYR A 425 0.20 11.27 -2.82
C TYR A 425 0.54 9.84 -3.20
N GLY A 426 1.45 9.64 -4.14
CA GLY A 426 1.79 8.29 -4.54
C GLY A 426 3.08 8.16 -5.32
N CYS A 427 3.14 7.15 -6.18
CA CYS A 427 4.35 6.92 -6.99
C CYS A 427 4.12 6.99 -8.48
N ARG A 428 4.96 7.78 -9.14
CA ARG A 428 4.91 7.90 -10.58
C ARG A 428 5.75 6.73 -11.09
N VAL A 429 5.24 6.00 -12.09
CA VAL A 429 5.98 4.88 -12.65
C VAL A 429 6.39 5.10 -14.11
N GLU A 430 7.67 4.88 -14.40
CA GLU A 430 8.18 5.01 -15.75
C GLU A 430 8.76 3.66 -16.14
N SER A 431 8.43 3.19 -17.33
CA SER A 431 8.97 1.92 -17.82
C SER A 431 10.14 2.21 -18.76
N ILE A 432 11.23 1.45 -18.61
CA ILE A 432 12.40 1.62 -19.47
C ILE A 432 12.91 0.26 -19.91
N TYR A 433 12.56 -0.12 -21.13
CA TYR A 433 12.99 -1.39 -21.71
C TYR A 433 14.44 -1.21 -22.18
N LEU A 434 15.32 -2.11 -21.79
CA LEU A 434 16.71 -1.95 -22.18
C LEU A 434 17.12 -2.55 -23.54
N ASN A 435 16.15 -2.68 -24.42
CA ASN A 435 16.40 -3.14 -25.78
C ASN A 435 17.22 -4.42 -25.97
N VAL A 436 16.83 -5.48 -25.27
CA VAL A 436 17.46 -6.79 -25.38
C VAL A 436 16.33 -7.80 -25.42
N GLU A 437 16.30 -8.60 -26.49
CA GLU A 437 15.28 -9.61 -26.68
C GLU A 437 15.22 -10.65 -25.56
N SER A 438 14.05 -11.24 -25.38
CA SER A 438 13.83 -12.26 -24.38
C SER A 438 12.48 -12.88 -24.68
N VAL A 439 12.17 -14.00 -24.03
CA VAL A 439 10.86 -14.60 -24.22
C VAL A 439 9.90 -13.76 -23.39
N CYS A 440 8.61 -14.10 -23.46
CA CYS A 440 7.59 -13.41 -22.70
C CYS A 440 7.05 -14.46 -21.74
N THR A 441 6.96 -14.12 -20.46
CA THR A 441 6.47 -15.08 -19.47
C THR A 441 5.13 -14.68 -18.89
N HIS A 442 4.51 -13.66 -19.49
CA HIS A 442 3.21 -13.21 -19.00
C HIS A 442 2.07 -14.09 -19.48
N ARG A 443 1.13 -14.40 -18.58
CA ARG A 443 0.00 -15.22 -18.94
C ARG A 443 -1.26 -14.60 -18.37
N GLU A 444 -2.13 -14.13 -19.26
CA GLU A 444 -3.39 -13.49 -18.88
C GLU A 444 -4.38 -14.51 -18.30
N ARG A 445 -5.44 -14.01 -17.68
CA ARG A 445 -6.48 -14.86 -17.11
C ARG A 445 -7.06 -15.72 -18.24
N SER A 446 -7.42 -16.95 -17.94
CA SER A 446 -7.99 -17.83 -18.96
C SER A 446 -9.07 -18.76 -18.41
N ASN A 454 -19.85 -26.79 -16.31
CA ASN A 454 -21.12 -26.36 -15.75
C ASN A 454 -22.29 -27.13 -16.37
N PRO A 455 -22.47 -27.04 -17.70
CA PRO A 455 -23.54 -27.69 -18.47
C PRO A 455 -24.13 -28.97 -17.92
N LEU A 456 -23.37 -30.05 -17.96
CA LEU A 456 -23.86 -31.35 -17.49
C LEU A 456 -24.33 -31.37 -16.03
N MET A 457 -24.02 -30.31 -15.28
CA MET A 457 -24.45 -30.29 -13.89
C MET A 457 -25.71 -29.50 -13.55
N ARG A 458 -26.62 -29.51 -14.52
CA ARG A 458 -27.92 -28.89 -14.39
C ARG A 458 -28.72 -29.79 -15.33
N ARG A 459 -30.03 -29.85 -15.13
CA ARG A 459 -30.84 -30.71 -15.98
C ARG A 459 -30.96 -30.23 -17.43
N ASN A 460 -31.21 -31.16 -18.35
CA ASN A 460 -31.26 -30.90 -19.78
C ASN A 460 -30.16 -29.92 -20.20
N SER A 461 -29.03 -30.51 -20.58
CA SER A 461 -27.80 -29.82 -21.00
C SER A 461 -26.83 -29.75 -19.83
O1 F6P B . 8.76 -16.40 -15.45
C1 F6P B . 8.80 -17.57 -14.67
C2 F6P B . 8.45 -17.28 -13.19
O2 F6P B . 9.31 -16.32 -12.57
C3 F6P B . 8.50 -18.67 -12.49
O3 F6P B . 9.75 -18.93 -11.88
C4 F6P B . 7.30 -18.53 -11.55
O4 F6P B . 6.84 -19.79 -11.12
C5 F6P B . 6.40 -17.84 -12.51
O5 F6P B . 7.10 -16.81 -13.11
C6 F6P B . 5.02 -17.53 -11.93
O6 F6P B . 4.29 -16.84 -12.94
P F6P B . 2.79 -16.81 -12.48
O1P F6P B . 2.54 -16.30 -11.12
O2P F6P B . 1.91 -16.00 -13.56
O3P F6P B . 2.35 -18.36 -12.55
PB ADP C . -3.04 18.02 4.80
O1B ADP C . -2.56 18.03 6.21
O2B ADP C . -3.88 16.86 4.43
O3B ADP C . -3.85 19.35 4.55
PA ADP C . -1.48 16.84 2.69
O1A ADP C . -1.49 15.41 3.08
O2A ADP C . -2.38 17.37 1.64
O3A ADP C . -1.71 17.86 4.03
O5' ADP C . 0.05 17.16 2.45
C5' ADP C . 0.81 16.35 1.57
C4' ADP C . 2.21 16.90 1.65
O4' ADP C . 2.71 16.84 2.98
C3' ADP C . 3.26 16.22 0.76
O3' ADP C . 4.00 17.22 0.09
C2' ADP C . 4.15 15.45 1.77
O2' ADP C . 5.51 15.29 1.35
C1' ADP C . 3.98 16.29 3.03
N9 ADP C . 4.16 15.48 4.28
C8 ADP C . 4.14 14.10 4.53
N7 ADP C . 4.33 13.68 5.76
C5 ADP C . 4.49 14.87 6.42
C6 ADP C . 4.73 15.23 7.78
N6 ADP C . 4.85 14.20 8.79
N1 ADP C . 4.86 16.55 8.13
C2 ADP C . 4.74 17.54 7.18
N3 ADP C . 4.51 17.36 5.85
C4 ADP C . 4.40 16.00 5.52
C1 PEP D . -12.41 20.63 4.57
O1 PEP D . -11.18 20.40 4.48
O2' PEP D . -13.05 20.96 3.54
C2 PEP D . -13.12 20.53 5.92
C3 PEP D . -14.45 20.30 6.03
O2 PEP D . -12.37 20.67 7.02
P PEP D . -12.67 20.59 8.54
O1P PEP D . -11.42 21.58 9.20
O2P PEP D . -14.16 21.13 8.90
O3P PEP D . -12.20 19.17 8.82
#